data_7FMO
#
_entry.id   7FMO
#
_cell.length_a   88.744
_cell.length_b   82.164
_cell.length_c   94.216
_cell.angle_alpha   90
_cell.angle_beta   108.56
_cell.angle_gamma   90
#
_symmetry.space_group_name_H-M   'C 1 2 1'
#
loop_
_entity.id
_entity.type
_entity.pdbx_description
1 polymer 'Pre-mRNA-splicing factor 8'
2 polymer 'A1 cistron-splicing factor AAR2'
3 non-polymer N-(2-methoxyphenyl)-2-methyl-L-alanine
4 non-polymer 'DIMETHYL SULFOXIDE'
5 water water
#
loop_
_entity_poly.entity_id
_entity_poly.type
_entity_poly.pdbx_seq_one_letter_code
_entity_poly.pdbx_strand_id
1 'polypeptide(L)'
;GAMNSSNYAELFNNDIKLFVDDTNVYRVTVHKTFEGNVATKAINGCIFTLNPKTGHLFLKIIHTSVWAGQKRLSQLAKWK
TAEEVSALVRSLPKEEQPKQIIVTRKAMLDPLEVHMLDFPNIAIRPTELRLPFSAAMSIDKLSDVVMKATEPQMVLFNIY
DDWLDRISSYTAFSRLTLLLRALKTNEESAKMILLSDPTITIKSYHLWPSFTDEQWITIESQMRDLILTEYGRKYNVNIS
ALTQTEIKDIILGQNIKA
;
A
2 'polypeptide(L)'
;GAMAMNTVPFTSAPIEVTIGIDQYSFNVKENQPFHGIKDIPIGHVHVIHFQHADNSSMRYGYWFDCRMGNFYIQYDPKDG
LYKMMEERDGAKFENIVHNFKERQMMVSYPKIDEDDTWYNLTEFVQMDKIRKIVRKDENQFSYVDSSMTTVQENELSSSS
SDPAHSLNYTVINFKSREAIRPGHEMEDFLDKSYYLNTVMLQGIFKNSSNYFGELQFAFLNAMFFGNYGSSLQWHAMIEL
ICSSATVPKHMLDKLDEILYYQIKTLPEQYSDILLNERVWNICLYSSFQKNSLHNTEKIMENKYPELL
;
B
#
loop_
_chem_comp.id
_chem_comp.type
_chem_comp.name
_chem_comp.formula
DMS non-polymer 'DIMETHYL SULFOXIDE' 'C2 H6 O S'
#
# COMPACT_ATOMS: atom_id res chain seq x y z
N GLY A 1 13.77 -6.32 -3.72
CA GLY A 1 12.74 -6.26 -4.74
C GLY A 1 12.36 -7.61 -5.31
N ALA A 2 11.99 -7.63 -6.59
CA ALA A 2 11.61 -8.88 -7.24
C ALA A 2 12.85 -9.69 -7.60
N MET A 3 12.62 -10.98 -7.84
CA MET A 3 13.69 -11.95 -8.08
C MET A 3 13.53 -12.49 -9.49
N ASN A 4 14.60 -12.39 -10.30
CA ASN A 4 14.54 -12.82 -11.69
C ASN A 4 15.84 -13.48 -12.14
N SER A 5 16.14 -13.43 -13.44
CA SER A 5 17.30 -14.14 -14.00
C SER A 5 18.62 -13.42 -13.77
N SER A 6 18.59 -12.09 -13.64
CA SER A 6 19.83 -11.34 -13.51
C SER A 6 20.50 -11.62 -12.17
N ASN A 7 19.73 -11.63 -11.09
CA ASN A 7 20.21 -11.93 -9.75
C ASN A 7 19.92 -13.38 -9.36
N TYR A 8 20.16 -14.31 -10.28
CA TYR A 8 19.74 -15.70 -10.06
C TYR A 8 20.68 -16.42 -9.09
N ALA A 9 21.98 -16.16 -9.19
CA ALA A 9 22.96 -16.77 -8.29
C ALA A 9 22.69 -16.38 -6.83
N GLU A 10 21.91 -15.34 -6.59
CA GLU A 10 21.60 -14.98 -5.21
C GLU A 10 20.88 -16.10 -4.45
N LEU A 11 20.08 -16.88 -5.16
CA LEU A 11 19.40 -18.01 -4.57
C LEU A 11 20.33 -18.97 -3.88
N PHE A 12 21.59 -19.05 -4.33
CA PHE A 12 22.49 -20.08 -3.82
C PHE A 12 23.62 -19.49 -2.98
N ASN A 13 23.46 -18.26 -2.50
CA ASN A 13 24.42 -17.68 -1.60
C ASN A 13 24.06 -18.12 -0.17
N ASN A 14 24.74 -17.56 0.82
CA ASN A 14 24.67 -18.09 2.18
C ASN A 14 23.69 -17.32 3.06
N ASP A 15 22.86 -16.46 2.47
CA ASP A 15 21.74 -15.84 3.17
C ASP A 15 20.56 -16.81 3.13
N ILE A 16 20.10 -17.23 4.29
CA ILE A 16 18.96 -18.17 4.29
C ILE A 16 17.80 -17.55 3.57
N LYS A 17 17.17 -18.35 2.69
CA LYS A 17 15.95 -17.87 2.05
C LYS A 17 15.01 -19.02 1.77
N LEU A 18 13.71 -18.69 1.69
CA LEU A 18 12.71 -19.68 1.40
C LEU A 18 11.83 -19.24 0.25
N PHE A 19 11.52 -20.17 -0.64
CA PHE A 19 10.45 -20.00 -1.61
C PHE A 19 9.17 -20.47 -0.93
N VAL A 20 8.07 -19.77 -1.17
CA VAL A 20 6.77 -20.20 -0.70
C VAL A 20 5.84 -20.25 -1.90
N ASP A 21 5.23 -21.41 -2.12
CA ASP A 21 4.24 -21.60 -3.21
C ASP A 21 2.94 -22.03 -2.57
N ASP A 22 1.85 -21.29 -2.85
CA ASP A 22 0.53 -21.53 -2.30
C ASP A 22 -0.43 -22.18 -3.29
N THR A 23 0.05 -22.59 -4.47
N THR A 23 0.06 -22.62 -4.46
CA THR A 23 -0.88 -23.04 -5.49
CA THR A 23 -0.85 -23.06 -5.51
C THR A 23 -1.73 -24.20 -5.00
C THR A 23 -1.61 -24.34 -5.18
N ASN A 24 -1.14 -25.13 -4.23
CA ASN A 24 -1.81 -26.38 -3.84
C ASN A 24 -2.45 -26.30 -2.46
N VAL A 25 -2.65 -25.09 -1.93
CA VAL A 25 -3.21 -24.95 -0.59
C VAL A 25 -4.69 -25.29 -0.64
N TYR A 26 -5.42 -24.60 -1.50
CA TYR A 26 -6.88 -24.78 -1.62
C TYR A 26 -7.14 -25.53 -2.93
N ARG A 27 -7.56 -26.77 -2.83
CA ARG A 27 -7.72 -27.67 -3.96
C ARG A 27 -9.15 -28.16 -3.96
N VAL A 28 -9.81 -28.07 -5.11
CA VAL A 28 -11.21 -28.50 -5.20
C VAL A 28 -11.40 -29.32 -6.46
N THR A 29 -12.48 -30.09 -6.44
CA THR A 29 -13.11 -30.66 -7.62
C THR A 29 -14.48 -30.01 -7.79
N VAL A 30 -14.83 -29.69 -9.04
CA VAL A 30 -16.12 -29.08 -9.37
C VAL A 30 -17.02 -30.18 -9.90
N HIS A 31 -18.27 -30.19 -9.47
CA HIS A 31 -19.17 -31.25 -9.89
C HIS A 31 -20.59 -30.72 -9.88
N LYS A 32 -21.48 -31.43 -10.59
CA LYS A 32 -22.90 -31.07 -10.63
C LYS A 32 -23.67 -31.59 -9.41
N THR A 33 -24.62 -30.81 -8.92
CA THR A 33 -25.50 -31.29 -7.86
C THR A 33 -26.73 -32.00 -8.45
N PHE A 34 -27.44 -32.73 -7.59
CA PHE A 34 -28.63 -33.45 -8.04
C PHE A 34 -29.58 -32.50 -8.75
N GLU A 35 -29.66 -31.26 -8.27
CA GLU A 35 -30.54 -30.27 -8.88
C GLU A 35 -29.95 -29.63 -10.13
N GLY A 36 -28.78 -30.06 -10.57
CA GLY A 36 -28.16 -29.47 -11.74
C GLY A 36 -27.43 -28.18 -11.51
N ASN A 37 -27.18 -27.81 -10.26
CA ASN A 37 -26.30 -26.72 -9.94
C ASN A 37 -24.87 -27.23 -9.93
N VAL A 38 -23.92 -26.34 -9.64
CA VAL A 38 -22.53 -26.72 -9.54
C VAL A 38 -22.07 -26.47 -8.12
N ALA A 39 -21.24 -27.36 -7.61
CA ALA A 39 -20.71 -27.27 -6.26
C ALA A 39 -19.26 -27.72 -6.28
N THR A 40 -18.51 -27.31 -5.27
CA THR A 40 -17.13 -27.77 -5.13
C THR A 40 -17.01 -28.73 -3.95
N LYS A 41 -16.00 -29.59 -4.02
CA LYS A 41 -15.60 -30.44 -2.90
C LYS A 41 -14.11 -30.26 -2.67
N ALA A 42 -13.72 -29.80 -1.49
CA ALA A 42 -12.29 -29.59 -1.33
C ALA A 42 -11.57 -30.91 -1.07
N ILE A 43 -10.27 -30.94 -1.37
CA ILE A 43 -9.42 -32.06 -1.00
C ILE A 43 -8.24 -31.49 -0.26
N ASN A 44 -7.50 -32.36 0.44
CA ASN A 44 -6.37 -31.90 1.20
C ASN A 44 -5.39 -31.17 0.30
N GLY A 45 -4.69 -30.18 0.85
CA GLY A 45 -3.75 -29.40 0.08
C GLY A 45 -2.45 -29.30 0.84
N CYS A 46 -1.55 -28.42 0.40
CA CYS A 46 -0.27 -28.29 1.07
C CYS A 46 0.35 -26.95 0.72
N ILE A 47 1.11 -26.42 1.67
CA ILE A 47 2.02 -25.30 1.45
C ILE A 47 3.40 -25.85 1.11
N PHE A 48 3.99 -25.35 0.05
CA PHE A 48 5.30 -25.80 -0.43
C PHE A 48 6.28 -24.69 -0.10
N THR A 49 7.12 -24.91 0.90
CA THR A 49 8.09 -23.95 1.41
C THR A 49 9.45 -24.61 1.30
N LEU A 50 10.32 -24.03 0.49
CA LEU A 50 11.56 -24.68 0.06
C LEU A 50 12.75 -23.76 0.27
N ASN A 51 13.78 -24.27 0.91
CA ASN A 51 15.11 -23.65 0.90
C ASN A 51 15.89 -24.09 -0.34
N PRO A 52 16.11 -23.21 -1.32
CA PRO A 52 16.73 -23.67 -2.59
C PRO A 52 18.16 -24.05 -2.43
N LYS A 53 18.81 -23.61 -1.37
CA LYS A 53 20.24 -23.91 -1.19
C LYS A 53 20.45 -25.29 -0.58
N THR A 54 19.61 -25.65 0.36
CA THR A 54 19.76 -26.89 1.08
C THR A 54 18.85 -27.98 0.59
N GLY A 55 17.77 -27.65 -0.08
CA GLY A 55 16.78 -28.65 -0.47
C GLY A 55 15.76 -28.98 0.56
N HIS A 56 15.86 -28.41 1.76
CA HIS A 56 14.87 -28.66 2.81
C HIS A 56 13.52 -28.12 2.41
N LEU A 57 12.53 -29.00 2.45
CA LEU A 57 11.17 -28.72 2.08
C LEU A 57 10.31 -28.86 3.32
N PHE A 58 9.62 -27.80 3.67
CA PHE A 58 8.68 -27.80 4.81
C PHE A 58 7.32 -27.94 4.17
N LEU A 59 6.74 -29.14 4.19
CA LEU A 59 5.46 -29.38 3.53
C LEU A 59 4.39 -29.32 4.61
N LYS A 60 3.65 -28.22 4.67
CA LYS A 60 2.54 -28.12 5.62
C LYS A 60 1.29 -28.66 4.93
N ILE A 61 0.74 -29.73 5.46
CA ILE A 61 -0.46 -30.31 4.91
C ILE A 61 -1.68 -29.57 5.41
N ILE A 62 -2.52 -29.17 4.46
CA ILE A 62 -3.72 -28.39 4.69
C ILE A 62 -4.89 -29.38 4.61
N HIS A 63 -5.45 -29.74 5.77
CA HIS A 63 -6.54 -30.67 5.84
C HIS A 63 -7.84 -29.95 5.51
N THR A 64 -8.77 -30.65 4.84
CA THR A 64 -9.99 -29.99 4.40
C THR A 64 -10.80 -29.42 5.54
N SER A 65 -10.62 -29.94 6.76
CA SER A 65 -11.38 -29.43 7.90
C SER A 65 -11.12 -27.96 8.15
N VAL A 66 -9.98 -27.42 7.69
N VAL A 66 -9.97 -27.43 7.69
CA VAL A 66 -9.72 -26.01 7.92
CA VAL A 66 -9.66 -26.02 7.85
C VAL A 66 -10.66 -25.11 7.14
C VAL A 66 -10.71 -25.15 7.17
N TRP A 67 -11.26 -25.62 6.07
CA TRP A 67 -12.23 -24.81 5.30
C TRP A 67 -13.65 -24.90 5.84
N ALA A 68 -13.90 -25.74 6.80
CA ALA A 68 -15.27 -25.99 7.22
C ALA A 68 -15.95 -24.72 7.73
N GLY A 69 -17.08 -24.36 7.10
CA GLY A 69 -17.84 -23.21 7.53
C GLY A 69 -17.21 -21.87 7.23
N GLN A 70 -16.13 -21.83 6.47
CA GLN A 70 -15.49 -20.58 6.10
C GLN A 70 -16.00 -20.09 4.76
N LYS A 71 -15.98 -18.77 4.56
CA LYS A 71 -16.39 -18.12 3.32
C LYS A 71 -15.15 -17.58 2.60
N ARG A 72 -15.31 -17.31 1.30
CA ARG A 72 -14.25 -16.73 0.45
C ARG A 72 -12.94 -17.50 0.59
N LEU A 73 -13.01 -18.80 0.26
CA LEU A 73 -11.91 -19.69 0.57
C LEU A 73 -10.65 -19.35 -0.23
N SER A 74 -10.77 -18.95 -1.48
CA SER A 74 -9.56 -18.64 -2.23
C SER A 74 -8.80 -17.51 -1.57
N GLN A 75 -9.51 -16.53 -0.97
CA GLN A 75 -8.84 -15.45 -0.24
C GLN A 75 -8.33 -15.92 1.11
N LEU A 76 -9.14 -16.68 1.84
CA LEU A 76 -8.68 -17.24 3.11
C LEU A 76 -7.41 -18.06 2.91
N ALA A 77 -7.30 -18.74 1.78
CA ALA A 77 -6.17 -19.63 1.57
C ALA A 77 -4.86 -18.88 1.59
N LYS A 78 -4.85 -17.68 1.04
CA LYS A 78 -3.62 -16.89 1.03
C LYS A 78 -3.24 -16.48 2.44
N TRP A 79 -4.25 -16.10 3.24
CA TRP A 79 -3.99 -15.65 4.60
C TRP A 79 -3.62 -16.82 5.50
N LYS A 80 -4.25 -17.96 5.28
CA LYS A 80 -3.87 -19.17 6.02
C LYS A 80 -2.44 -19.59 5.69
N THR A 81 -2.07 -19.51 4.39
CA THR A 81 -0.67 -19.76 4.01
C THR A 81 0.27 -18.82 4.74
N ALA A 82 -0.09 -17.52 4.78
CA ALA A 82 0.81 -16.57 5.41
C ALA A 82 0.89 -16.81 6.90
N GLU A 83 -0.22 -17.17 7.52
CA GLU A 83 -0.21 -17.52 8.93
C GLU A 83 0.73 -18.69 9.20
N GLU A 84 0.63 -19.76 8.40
CA GLU A 84 1.46 -20.95 8.60
C GLU A 84 2.95 -20.68 8.33
N VAL A 85 3.27 -19.87 7.32
CA VAL A 85 4.68 -19.51 7.07
C VAL A 85 5.24 -18.71 8.22
N SER A 86 4.45 -17.77 8.73
N SER A 86 4.42 -17.79 8.73
CA SER A 86 4.95 -16.99 9.87
CA SER A 86 4.83 -16.98 9.87
C SER A 86 5.11 -17.89 11.09
C SER A 86 5.09 -17.87 11.07
N ALA A 87 4.20 -18.84 11.30
CA ALA A 87 4.36 -19.76 12.43
C ALA A 87 5.59 -20.65 12.28
N LEU A 88 5.89 -21.06 11.05
CA LEU A 88 7.11 -21.81 10.77
C LEU A 88 8.32 -20.99 11.13
N VAL A 89 8.38 -19.76 10.64
CA VAL A 89 9.53 -18.91 10.94
C VAL A 89 9.69 -18.78 12.46
N ARG A 90 8.59 -18.53 13.17
CA ARG A 90 8.71 -18.31 14.60
C ARG A 90 9.17 -19.57 15.31
N SER A 91 8.86 -20.74 14.74
CA SER A 91 9.27 -22.01 15.34
C SER A 91 10.76 -22.29 15.12
N LEU A 92 11.38 -21.60 14.17
CA LEU A 92 12.76 -21.93 13.85
C LEU A 92 13.69 -21.17 14.78
N PRO A 93 14.80 -21.77 15.21
CA PRO A 93 15.82 -20.99 15.91
C PRO A 93 16.23 -19.74 15.14
N LYS A 94 16.62 -18.71 15.89
CA LYS A 94 16.94 -17.43 15.27
C LYS A 94 17.93 -17.61 14.12
N GLU A 95 19.00 -18.38 14.36
CA GLU A 95 20.02 -18.52 13.31
C GLU A 95 19.56 -19.39 12.15
N GLU A 96 18.36 -19.97 12.20
CA GLU A 96 17.81 -20.68 11.06
C GLU A 96 16.73 -19.88 10.33
N GLN A 97 16.35 -18.71 10.85
CA GLN A 97 15.25 -17.98 10.22
C GLN A 97 15.71 -17.36 8.91
N PRO A 98 14.82 -17.27 7.93
CA PRO A 98 15.23 -16.76 6.62
C PRO A 98 15.46 -15.27 6.70
N LYS A 99 16.33 -14.78 5.83
N LYS A 99 16.33 -14.80 5.82
CA LYS A 99 16.46 -13.34 5.60
CA LYS A 99 16.49 -13.36 5.59
C LYS A 99 15.55 -12.85 4.48
C LYS A 99 15.56 -12.85 4.50
N GLN A 100 15.09 -13.75 3.63
CA GLN A 100 14.21 -13.41 2.53
C GLN A 100 13.20 -14.53 2.36
N ILE A 101 11.99 -14.16 2.02
CA ILE A 101 10.98 -15.12 1.61
C ILE A 101 10.50 -14.68 0.25
N ILE A 102 10.60 -15.58 -0.73
CA ILE A 102 10.17 -15.30 -2.10
C ILE A 102 8.88 -16.05 -2.40
N VAL A 103 7.82 -15.32 -2.77
CA VAL A 103 6.51 -15.92 -3.05
C VAL A 103 6.37 -16.13 -4.54
N THR A 104 5.79 -17.24 -4.97
CA THR A 104 5.68 -17.58 -6.40
C THR A 104 4.51 -16.81 -7.03
N ARG A 105 3.56 -16.33 -6.24
CA ARG A 105 2.38 -15.58 -6.74
C ARG A 105 2.35 -14.23 -6.02
N LYS A 106 2.12 -13.14 -6.76
CA LYS A 106 2.15 -11.75 -6.23
C LYS A 106 1.01 -11.52 -5.24
N ALA A 107 -0.06 -12.31 -5.31
CA ALA A 107 -1.16 -12.16 -4.35
C ALA A 107 -0.77 -12.58 -2.92
N MET A 108 0.33 -13.30 -2.71
CA MET A 108 0.79 -13.63 -1.36
C MET A 108 1.57 -12.50 -0.69
N LEU A 109 1.92 -11.45 -1.44
CA LEU A 109 2.80 -10.43 -0.87
C LEU A 109 2.17 -9.74 0.34
N ASP A 110 0.96 -9.20 0.18
CA ASP A 110 0.38 -8.47 1.31
C ASP A 110 0.05 -9.41 2.46
N PRO A 111 -0.53 -10.60 2.19
CA PRO A 111 -0.81 -11.48 3.34
C PRO A 111 0.45 -11.83 4.11
N LEU A 112 1.56 -12.10 3.44
CA LEU A 112 2.77 -12.47 4.17
C LEU A 112 3.39 -11.27 4.87
N GLU A 113 3.46 -10.13 4.18
CA GLU A 113 3.96 -8.91 4.80
C GLU A 113 3.22 -8.56 6.09
N VAL A 114 1.90 -8.68 6.08
CA VAL A 114 1.12 -8.36 7.27
C VAL A 114 1.36 -9.37 8.39
N HIS A 115 1.41 -10.66 8.07
CA HIS A 115 1.74 -11.66 9.10
C HIS A 115 3.15 -11.55 9.62
N MET A 116 4.06 -10.90 8.89
CA MET A 116 5.46 -10.85 9.27
C MET A 116 5.88 -9.47 9.75
N LEU A 117 4.90 -8.60 10.11
CA LEU A 117 5.25 -7.24 10.55
C LEU A 117 6.24 -7.25 11.71
N ASP A 118 6.15 -8.26 12.58
CA ASP A 118 7.07 -8.49 13.70
C ASP A 118 8.50 -8.82 13.25
N PHE A 119 8.72 -9.14 11.98
CA PHE A 119 10.04 -9.46 11.45
C PHE A 119 10.38 -8.46 10.36
N PRO A 120 10.60 -7.19 10.73
CA PRO A 120 10.80 -6.17 9.69
C PRO A 120 12.08 -6.38 8.88
N ASN A 121 13.03 -7.18 9.37
CA ASN A 121 14.25 -7.45 8.62
C ASN A 121 14.13 -8.63 7.66
N ILE A 122 12.97 -9.29 7.58
CA ILE A 122 12.81 -10.36 6.59
C ILE A 122 12.17 -9.74 5.34
N ALA A 123 12.88 -9.80 4.22
CA ALA A 123 12.40 -9.23 2.98
C ALA A 123 11.39 -10.20 2.35
N ILE A 124 10.24 -9.69 1.94
CA ILE A 124 9.22 -10.46 1.23
C ILE A 124 9.25 -10.02 -0.23
N ARG A 125 9.55 -10.96 -1.13
CA ARG A 125 9.79 -10.64 -2.52
C ARG A 125 8.94 -11.50 -3.45
N PRO A 126 8.49 -10.95 -4.57
CA PRO A 126 7.94 -11.76 -5.65
C PRO A 126 9.06 -12.23 -6.57
N THR A 127 8.68 -13.05 -7.55
CA THR A 127 9.61 -13.61 -8.55
C THR A 127 9.08 -13.64 -9.99
N GLU A 128 9.83 -13.17 -10.99
N GLU A 128 9.83 -13.18 -10.99
CA GLU A 128 9.41 -13.25 -12.43
CA GLU A 128 9.38 -13.26 -12.40
C GLU A 128 9.59 -14.70 -12.94
C GLU A 128 9.60 -14.69 -12.95
N LEU A 129 10.57 -15.48 -12.27
CA LEU A 129 10.64 -16.90 -12.93
C LEU A 129 9.33 -17.69 -12.83
N ARG A 130 9.04 -18.47 -13.86
CA ARG A 130 7.88 -19.36 -13.91
C ARG A 130 8.33 -20.63 -13.20
N LEU A 131 8.11 -20.72 -11.91
CA LEU A 131 8.60 -21.88 -11.16
C LEU A 131 7.52 -22.93 -11.24
N PRO A 132 7.86 -24.21 -11.49
CA PRO A 132 6.84 -25.27 -11.54
C PRO A 132 6.51 -25.98 -10.22
N PHE A 133 6.46 -25.26 -9.10
CA PHE A 133 6.26 -25.92 -7.82
C PHE A 133 4.85 -26.47 -7.64
N SER A 134 3.88 -26.03 -8.44
CA SER A 134 2.56 -26.67 -8.35
C SER A 134 2.64 -28.16 -8.65
N ALA A 135 3.61 -28.61 -9.45
CA ALA A 135 3.74 -30.04 -9.73
C ALA A 135 4.33 -30.85 -8.58
N ALA A 136 4.62 -30.23 -7.43
CA ALA A 136 4.99 -31.01 -6.27
C ALA A 136 4.05 -32.17 -6.03
N MET A 137 2.75 -31.97 -6.30
CA MET A 137 1.86 -33.07 -5.99
C MET A 137 2.00 -34.20 -7.00
N SER A 138 2.87 -34.07 -8.01
CA SER A 138 3.17 -35.13 -8.94
C SER A 138 4.24 -36.06 -8.44
N ILE A 139 4.87 -35.75 -7.31
CA ILE A 139 5.87 -36.60 -6.71
C ILE A 139 5.10 -37.54 -5.79
N ASP A 140 5.10 -38.82 -6.12
CA ASP A 140 4.19 -39.77 -5.48
C ASP A 140 4.26 -39.73 -3.97
N LYS A 141 5.48 -39.68 -3.41
CA LYS A 141 5.54 -39.76 -1.95
C LYS A 141 4.98 -38.50 -1.30
N LEU A 142 5.05 -37.35 -1.98
CA LEU A 142 4.45 -36.13 -1.43
C LEU A 142 2.94 -36.18 -1.57
N SER A 143 2.45 -36.53 -2.75
CA SER A 143 0.99 -36.67 -2.94
C SER A 143 0.40 -37.66 -1.93
N ASP A 144 1.11 -38.76 -1.66
CA ASP A 144 0.56 -39.76 -0.75
C ASP A 144 0.40 -39.20 0.67
N VAL A 145 1.40 -38.46 1.14
CA VAL A 145 1.33 -38.02 2.53
C VAL A 145 0.24 -36.98 2.65
N VAL A 146 0.02 -36.21 1.60
CA VAL A 146 -1.02 -35.17 1.65
C VAL A 146 -2.38 -35.82 1.64
N MET A 147 -2.60 -36.78 0.75
N MET A 147 -2.62 -36.76 0.73
N MET A 147 -2.61 -36.76 0.75
CA MET A 147 -3.91 -37.38 0.56
CA MET A 147 -3.94 -37.36 0.61
CA MET A 147 -3.94 -37.34 0.63
C MET A 147 -4.28 -38.31 1.72
C MET A 147 -4.28 -38.21 1.83
C MET A 147 -4.29 -38.24 1.81
N LYS A 148 -3.30 -38.87 2.43
CA LYS A 148 -3.58 -39.72 3.60
C LYS A 148 -3.79 -38.93 4.91
N ALA A 149 -3.43 -37.65 4.97
CA ALA A 149 -3.49 -36.96 6.24
C ALA A 149 -4.93 -36.83 6.72
N THR A 150 -5.13 -37.04 8.02
CA THR A 150 -6.43 -36.93 8.61
C THR A 150 -6.53 -35.70 9.48
N GLU A 151 -5.42 -34.96 9.60
CA GLU A 151 -5.33 -33.79 10.46
C GLU A 151 -4.23 -32.90 9.90
N PRO A 152 -4.21 -31.63 10.27
CA PRO A 152 -3.05 -30.78 9.91
C PRO A 152 -1.76 -31.46 10.36
N GLN A 153 -0.72 -31.30 9.55
CA GLN A 153 0.53 -31.99 9.80
C GLN A 153 1.61 -31.29 9.01
N MET A 154 2.79 -31.16 9.61
CA MET A 154 3.97 -30.65 8.90
C MET A 154 4.93 -31.80 8.68
N VAL A 155 5.40 -31.97 7.45
CA VAL A 155 6.34 -33.03 7.07
C VAL A 155 7.58 -32.40 6.46
N LEU A 156 8.76 -32.86 6.88
CA LEU A 156 10.02 -32.33 6.38
C LEU A 156 10.67 -33.29 5.40
N PHE A 157 11.06 -32.78 4.24
CA PHE A 157 11.66 -33.58 3.18
C PHE A 157 12.95 -32.88 2.78
N ASN A 158 13.86 -33.62 2.15
CA ASN A 158 14.92 -33.03 1.33
C ASN A 158 14.60 -33.31 -0.12
N ILE A 159 14.19 -32.27 -0.86
CA ILE A 159 13.70 -32.50 -2.21
C ILE A 159 14.81 -32.78 -3.20
N TYR A 160 16.07 -32.65 -2.78
CA TYR A 160 17.21 -33.00 -3.63
C TYR A 160 17.78 -34.39 -3.30
N ASP A 161 17.09 -35.18 -2.51
CA ASP A 161 17.66 -36.45 -2.02
C ASP A 161 19.11 -36.21 -1.61
N ASP A 162 20.07 -36.97 -2.17
CA ASP A 162 21.49 -36.84 -1.81
C ASP A 162 22.29 -36.12 -2.89
N TRP A 163 21.61 -35.40 -3.79
CA TRP A 163 22.33 -34.85 -4.95
C TRP A 163 23.44 -33.89 -4.54
N LEU A 164 23.29 -33.17 -3.43
CA LEU A 164 24.29 -32.18 -3.10
C LEU A 164 25.64 -32.80 -2.74
N ASP A 165 25.67 -34.10 -2.45
CA ASP A 165 26.96 -34.77 -2.28
C ASP A 165 27.78 -34.72 -3.56
N ARG A 166 27.11 -34.53 -4.69
CA ARG A 166 27.74 -34.67 -5.98
C ARG A 166 27.70 -33.43 -6.84
N ILE A 167 26.75 -32.54 -6.62
CA ILE A 167 26.54 -31.38 -7.48
C ILE A 167 26.30 -30.16 -6.60
N SER A 168 26.37 -28.99 -7.21
CA SER A 168 26.11 -27.76 -6.50
C SER A 168 24.61 -27.52 -6.37
N SER A 169 24.26 -26.66 -5.39
N SER A 169 24.24 -26.64 -5.42
CA SER A 169 22.86 -26.25 -5.26
CA SER A 169 22.82 -26.31 -5.28
C SER A 169 22.34 -25.69 -6.57
C SER A 169 22.28 -25.58 -6.53
N TYR A 170 23.12 -24.81 -7.22
CA TYR A 170 22.68 -24.26 -8.51
C TYR A 170 22.22 -25.35 -9.45
N THR A 171 23.04 -26.39 -9.61
CA THR A 171 22.70 -27.49 -10.52
C THR A 171 21.52 -28.29 -10.00
N ALA A 172 21.46 -28.47 -8.68
CA ALA A 172 20.39 -29.27 -8.10
C ALA A 172 19.05 -28.58 -8.30
N PHE A 173 19.03 -27.26 -8.12
CA PHE A 173 17.79 -26.51 -8.36
C PHE A 173 17.37 -26.54 -9.82
N SER A 174 18.35 -26.41 -10.73
CA SER A 174 18.06 -26.55 -12.15
C SER A 174 17.48 -27.92 -12.47
N ARG A 175 18.08 -28.98 -11.91
CA ARG A 175 17.54 -30.33 -12.10
C ARG A 175 16.12 -30.41 -11.57
N LEU A 176 15.92 -29.97 -10.33
CA LEU A 176 14.58 -29.97 -9.76
C LEU A 176 13.56 -29.26 -10.65
N THR A 177 13.85 -28.03 -11.05
CA THR A 177 12.83 -27.31 -11.78
C THR A 177 12.61 -27.95 -13.14
N LEU A 178 13.63 -28.59 -13.70
CA LEU A 178 13.41 -29.27 -14.98
C LEU A 178 12.51 -30.49 -14.79
N LEU A 179 12.73 -31.25 -13.70
CA LEU A 179 11.87 -32.38 -13.38
C LEU A 179 10.45 -31.94 -13.12
N LEU A 180 10.29 -30.85 -12.37
CA LEU A 180 8.92 -30.44 -12.04
C LEU A 180 8.22 -29.81 -13.25
N ARG A 181 8.95 -29.06 -14.07
CA ARG A 181 8.33 -28.54 -15.31
C ARG A 181 7.88 -29.74 -16.16
N ALA A 182 8.69 -30.77 -16.30
CA ALA A 182 8.29 -31.92 -17.11
C ALA A 182 7.04 -32.58 -16.53
N LEU A 183 7.00 -32.73 -15.21
CA LEU A 183 5.84 -33.36 -14.59
C LEU A 183 4.59 -32.50 -14.73
N LYS A 184 4.73 -31.21 -14.72
CA LYS A 184 3.50 -30.45 -14.92
C LYS A 184 3.09 -30.46 -16.40
N THR A 185 4.04 -30.55 -17.30
CA THR A 185 3.80 -30.51 -18.75
C THR A 185 3.15 -31.82 -19.24
N ASN A 186 3.75 -32.93 -18.91
CA ASN A 186 3.24 -34.23 -19.34
C ASN A 186 3.57 -35.27 -18.26
N GLU A 187 2.74 -35.30 -17.23
CA GLU A 187 3.04 -36.09 -16.05
C GLU A 187 3.27 -37.55 -16.39
N GLU A 188 2.43 -38.12 -17.26
CA GLU A 188 2.57 -39.52 -17.59
C GLU A 188 3.91 -39.81 -18.22
N SER A 189 4.28 -39.02 -19.23
CA SER A 189 5.52 -39.27 -19.93
C SER A 189 6.70 -38.98 -19.04
N ALA A 190 6.58 -37.98 -18.16
CA ALA A 190 7.66 -37.68 -17.24
C ALA A 190 7.89 -38.85 -16.29
N LYS A 191 6.81 -39.40 -15.74
CA LYS A 191 6.96 -40.51 -14.81
C LYS A 191 7.44 -41.76 -15.53
N MET A 192 7.01 -41.95 -16.78
CA MET A 192 7.53 -43.05 -17.58
CA MET A 192 7.52 -43.04 -17.58
C MET A 192 9.04 -42.94 -17.71
N ILE A 193 9.53 -41.73 -18.03
CA ILE A 193 10.97 -41.51 -18.16
C ILE A 193 11.68 -41.85 -16.88
N LEU A 194 11.11 -41.44 -15.76
CA LEU A 194 11.79 -41.60 -14.47
C LEU A 194 11.81 -43.03 -14.01
N LEU A 195 10.81 -43.83 -14.36
CA LEU A 195 10.72 -45.18 -13.84
C LEU A 195 10.88 -46.28 -14.87
N SER A 196 10.96 -45.95 -16.17
CA SER A 196 11.01 -46.98 -17.20
C SER A 196 11.88 -48.16 -16.77
N ASP A 197 13.14 -47.87 -16.41
CA ASP A 197 14.15 -48.87 -16.09
C ASP A 197 13.97 -49.42 -14.67
N PRO A 198 13.53 -50.68 -14.53
CA PRO A 198 13.30 -51.20 -13.17
C PRO A 198 14.54 -51.31 -12.32
N THR A 199 15.72 -51.46 -12.94
CA THR A 199 16.96 -51.65 -12.19
C THR A 199 17.42 -50.39 -11.46
N ILE A 200 16.83 -49.24 -11.75
CA ILE A 200 17.12 -48.02 -11.00
C ILE A 200 15.89 -47.75 -10.14
N THR A 201 16.10 -47.67 -8.84
CA THR A 201 14.98 -47.57 -7.93
C THR A 201 15.12 -46.33 -7.06
N ILE A 202 14.02 -46.06 -6.37
CA ILE A 202 13.89 -44.97 -5.41
C ILE A 202 14.13 -45.55 -4.04
N LYS A 203 15.19 -45.10 -3.38
CA LYS A 203 15.45 -45.55 -2.02
C LYS A 203 14.24 -45.20 -1.16
N SER A 204 14.01 -46.03 -0.14
CA SER A 204 12.95 -45.74 0.81
C SER A 204 13.04 -44.33 1.38
N TYR A 205 14.25 -43.79 1.53
CA TYR A 205 14.41 -42.48 2.15
C TYR A 205 14.56 -41.36 1.13
N HIS A 206 14.20 -41.61 -0.13
CA HIS A 206 14.40 -40.65 -1.21
C HIS A 206 13.07 -40.39 -1.91
N LEU A 207 13.03 -39.33 -2.72
CA LEU A 207 11.85 -39.04 -3.55
C LEU A 207 12.06 -39.43 -5.00
N TRP A 208 13.30 -39.39 -5.49
CA TRP A 208 13.61 -39.60 -6.88
C TRP A 208 14.52 -40.83 -7.03
N PRO A 209 14.64 -41.37 -8.24
CA PRO A 209 15.46 -42.58 -8.41
C PRO A 209 16.94 -42.32 -8.18
N SER A 210 17.67 -43.43 -7.96
CA SER A 210 19.10 -43.39 -7.66
C SER A 210 19.95 -43.41 -8.94
N PHE A 211 19.83 -42.38 -9.76
CA PHE A 211 20.54 -42.32 -11.01
C PHE A 211 22.02 -41.99 -10.81
N THR A 212 22.89 -42.61 -11.63
CA THR A 212 24.27 -42.18 -11.65
C THR A 212 24.40 -40.82 -12.34
N ASP A 213 25.60 -40.25 -12.27
CA ASP A 213 25.86 -38.96 -12.91
C ASP A 213 25.54 -39.03 -14.39
N GLU A 214 25.95 -40.11 -15.05
CA GLU A 214 25.71 -40.25 -16.49
C GLU A 214 24.24 -40.46 -16.79
N GLN A 215 23.56 -41.24 -15.96
CA GLN A 215 22.14 -41.49 -16.18
C GLN A 215 21.32 -40.23 -15.98
N TRP A 216 21.72 -39.39 -15.03
CA TRP A 216 21.03 -38.11 -14.84
C TRP A 216 21.16 -37.24 -16.09
N ILE A 217 22.33 -37.25 -16.72
CA ILE A 217 22.48 -36.51 -17.96
C ILE A 217 21.48 -37.02 -18.99
N THR A 218 21.33 -38.34 -19.09
CA THR A 218 20.37 -38.91 -20.02
C THR A 218 18.94 -38.55 -19.64
N ILE A 219 18.60 -38.67 -18.35
CA ILE A 219 17.25 -38.31 -17.91
C ILE A 219 16.96 -36.84 -18.21
N GLU A 220 17.89 -35.97 -17.85
CA GLU A 220 17.69 -34.54 -18.07
C GLU A 220 17.44 -34.25 -19.54
N SER A 221 18.18 -34.91 -20.45
N SER A 221 18.20 -34.89 -20.43
CA SER A 221 17.96 -34.71 -21.88
CA SER A 221 17.97 -34.70 -21.86
C SER A 221 16.57 -35.17 -22.28
C SER A 221 16.56 -35.13 -22.24
N GLN A 222 16.14 -36.32 -21.80
CA GLN A 222 14.79 -36.80 -22.10
C GLN A 222 13.73 -35.86 -21.58
N MET A 223 13.94 -35.26 -20.40
CA MET A 223 12.97 -34.31 -19.89
C MET A 223 12.88 -33.06 -20.76
N ARG A 224 14.04 -32.53 -21.18
N ARG A 224 14.03 -32.53 -21.19
CA ARG A 224 14.02 -31.39 -22.09
CA ARG A 224 14.02 -31.38 -22.08
C ARG A 224 13.26 -31.72 -23.37
C ARG A 224 13.32 -31.70 -23.41
N ASP A 225 13.58 -32.88 -23.98
CA ASP A 225 12.88 -33.29 -25.19
CA ASP A 225 12.87 -33.28 -25.19
C ASP A 225 11.37 -33.43 -24.96
N LEU A 226 10.97 -33.93 -23.78
CA LEU A 226 9.55 -34.01 -23.43
C LEU A 226 8.93 -32.62 -23.46
N ILE A 227 9.55 -31.68 -22.78
CA ILE A 227 9.01 -30.32 -22.72
C ILE A 227 9.01 -29.76 -24.14
N LEU A 228 10.08 -29.93 -24.90
CA LEU A 228 10.14 -29.33 -26.25
C LEU A 228 9.05 -29.97 -27.11
N THR A 229 8.89 -31.26 -27.02
CA THR A 229 7.81 -31.95 -27.72
C THR A 229 6.45 -31.32 -27.41
N GLU A 230 6.17 -31.16 -26.12
CA GLU A 230 4.86 -30.54 -25.73
C GLU A 230 4.76 -29.13 -26.33
N TYR A 231 5.84 -28.36 -26.28
CA TYR A 231 5.86 -27.00 -26.88
C TYR A 231 5.39 -27.13 -28.31
N GLY A 232 5.93 -28.10 -29.09
CA GLY A 232 5.61 -28.33 -30.50
C GLY A 232 4.15 -28.70 -30.65
N ARG A 233 3.69 -29.58 -29.75
CA ARG A 233 2.30 -30.07 -29.77
C ARG A 233 1.38 -28.89 -29.49
N LYS A 234 1.74 -28.05 -28.55
CA LYS A 234 0.86 -26.95 -28.11
C LYS A 234 0.67 -25.90 -29.20
N TYR A 235 1.75 -25.40 -29.76
CA TYR A 235 1.69 -24.28 -30.72
C TYR A 235 1.81 -24.77 -32.15
N ASN A 236 1.64 -26.06 -32.43
CA ASN A 236 1.68 -26.62 -33.81
C ASN A 236 2.98 -26.24 -34.51
N VAL A 237 4.11 -26.37 -33.81
CA VAL A 237 5.46 -26.00 -34.30
C VAL A 237 6.26 -27.26 -34.64
N ASN A 238 6.94 -27.26 -35.78
CA ASN A 238 7.78 -28.41 -36.17
C ASN A 238 9.12 -28.24 -35.45
N ILE A 239 9.29 -28.92 -34.31
CA ILE A 239 10.49 -28.81 -33.44
C ILE A 239 11.74 -29.36 -34.13
N SER A 240 11.59 -30.31 -35.06
CA SER A 240 12.77 -30.90 -35.77
C SER A 240 13.52 -29.82 -36.57
N ALA A 241 12.78 -28.87 -37.16
CA ALA A 241 13.31 -27.75 -37.95
C ALA A 241 14.09 -26.74 -37.07
N LEU A 242 13.77 -26.67 -35.78
CA LEU A 242 14.38 -25.66 -34.87
C LEU A 242 15.88 -25.84 -34.72
N THR A 243 16.61 -24.73 -34.70
CA THR A 243 18.07 -24.73 -34.43
C THR A 243 18.29 -24.74 -32.91
N GLN A 244 19.51 -25.08 -32.48
CA GLN A 244 19.84 -25.16 -31.03
C GLN A 244 19.69 -23.79 -30.39
N THR A 245 20.14 -22.74 -31.09
CA THR A 245 20.01 -21.38 -30.50
C THR A 245 18.52 -21.07 -30.35
N GLU A 246 17.71 -21.41 -31.35
CA GLU A 246 16.25 -21.12 -31.29
C GLU A 246 15.66 -21.86 -30.10
N ILE A 247 16.05 -23.12 -29.91
CA ILE A 247 15.50 -23.95 -28.79
C ILE A 247 15.90 -23.31 -27.46
N LYS A 248 17.15 -22.86 -27.34
CA LYS A 248 17.59 -22.23 -26.07
C LYS A 248 16.74 -20.98 -25.82
N ASP A 249 16.55 -20.16 -26.87
CA ASP A 249 15.75 -18.91 -26.81
C ASP A 249 14.31 -19.22 -26.42
N ILE A 250 13.74 -20.27 -27.01
CA ILE A 250 12.32 -20.64 -26.71
C ILE A 250 12.21 -20.99 -25.23
N ILE A 251 13.17 -21.76 -24.73
CA ILE A 251 13.17 -22.18 -23.30
C ILE A 251 13.24 -20.96 -22.39
N LEU A 252 14.19 -20.05 -22.61
CA LEU A 252 14.33 -18.84 -21.77
C LEU A 252 13.00 -18.07 -21.75
N GLY A 253 12.38 -17.89 -22.91
CA GLY A 253 11.09 -17.17 -22.98
C GLY A 253 9.99 -17.90 -22.23
N GLN A 254 9.95 -19.23 -22.35
CA GLN A 254 8.90 -20.06 -21.70
C GLN A 254 9.12 -20.13 -20.18
N ASN A 255 10.29 -19.77 -19.69
CA ASN A 255 10.52 -19.88 -18.23
C ASN A 255 10.27 -18.50 -17.57
N ILE A 256 9.73 -17.52 -18.29
CA ILE A 256 9.46 -16.18 -17.70
C ILE A 256 7.97 -15.85 -17.75
N LYS A 257 7.40 -15.43 -16.61
CA LYS A 257 5.95 -15.14 -16.47
C LYS A 257 5.41 -14.25 -17.61
N MET B 5 -16.43 42.00 12.82
CA MET B 5 -15.44 41.73 11.72
C MET B 5 -14.06 42.30 12.10
N ASN B 6 -13.00 41.60 11.68
CA ASN B 6 -11.65 41.96 12.08
C ASN B 6 -10.80 42.30 10.86
N THR B 7 -9.57 42.72 11.12
CA THR B 7 -8.72 43.31 10.09
C THR B 7 -7.30 42.81 10.25
N VAL B 8 -6.65 42.53 9.13
CA VAL B 8 -5.22 42.23 9.10
C VAL B 8 -4.55 43.30 8.26
N PRO B 9 -4.01 44.33 8.87
CA PRO B 9 -3.32 45.37 8.10
C PRO B 9 -1.95 44.94 7.63
N PHE B 10 -1.50 45.58 6.56
CA PHE B 10 -0.16 45.40 6.01
C PHE B 10 0.63 46.68 6.20
N THR B 11 1.85 46.56 6.72
CA THR B 11 2.78 47.69 6.73
C THR B 11 2.94 48.27 5.33
N SER B 12 3.17 47.42 4.35
CA SER B 12 3.35 47.84 2.95
C SER B 12 3.37 46.59 2.10
N ALA B 13 3.46 46.79 0.78
CA ALA B 13 3.56 45.71 -0.21
C ALA B 13 4.72 46.00 -1.16
N PRO B 14 5.94 45.77 -0.71
CA PRO B 14 7.11 46.12 -1.54
C PRO B 14 7.39 45.21 -2.71
N ILE B 15 6.81 44.01 -2.76
CA ILE B 15 7.02 43.14 -3.91
C ILE B 15 5.67 42.65 -4.43
N GLU B 16 5.60 42.54 -5.74
CA GLU B 16 4.39 42.07 -6.40
C GLU B 16 4.11 40.64 -5.97
N VAL B 17 2.84 40.36 -5.70
CA VAL B 17 2.45 39.13 -5.01
C VAL B 17 0.96 38.90 -5.23
N THR B 18 0.60 37.65 -5.46
CA THR B 18 -0.80 37.21 -5.38
C THR B 18 -1.11 36.84 -3.93
N ILE B 19 -2.06 37.55 -3.32
CA ILE B 19 -2.44 37.31 -1.93
C ILE B 19 -3.70 36.49 -1.88
N GLY B 20 -3.71 35.45 -1.05
CA GLY B 20 -4.88 34.62 -0.82
C GLY B 20 -5.46 34.92 0.57
N ILE B 21 -6.76 34.94 0.66
CA ILE B 21 -7.40 35.02 1.98
C ILE B 21 -8.52 34.00 1.94
N ASP B 22 -8.33 32.88 2.62
CA ASP B 22 -9.28 31.76 2.51
C ASP B 22 -9.37 31.38 1.02
N GLN B 23 -10.57 31.16 0.48
CA GLN B 23 -10.70 30.72 -0.90
C GLN B 23 -10.65 31.86 -1.91
N TYR B 24 -10.41 33.10 -1.47
CA TYR B 24 -10.33 34.23 -2.38
C TYR B 24 -8.87 34.60 -2.67
N SER B 25 -8.65 35.38 -3.72
CA SER B 25 -7.30 35.79 -4.06
C SER B 25 -7.31 37.02 -4.94
N PHE B 26 -6.26 37.83 -4.79
CA PHE B 26 -6.15 39.06 -5.56
C PHE B 26 -4.69 39.37 -5.77
N ASN B 27 -4.39 40.14 -6.81
CA ASN B 27 -3.01 40.51 -7.14
C ASN B 27 -2.70 41.90 -6.60
N VAL B 28 -1.50 42.06 -6.05
CA VAL B 28 -0.99 43.35 -5.62
C VAL B 28 0.27 43.67 -6.41
N LYS B 29 0.34 44.88 -6.95
CA LYS B 29 1.49 45.27 -7.76
C LYS B 29 2.61 45.82 -6.88
N GLU B 30 3.85 45.69 -7.38
CA GLU B 30 5.05 46.13 -6.67
C GLU B 30 4.93 47.56 -6.15
N ASN B 31 4.97 47.73 -4.84
CA ASN B 31 4.86 49.03 -4.16
C ASN B 31 3.50 49.71 -4.38
N GLN B 32 2.46 48.95 -4.66
CA GLN B 32 1.13 49.53 -4.72
C GLN B 32 0.62 49.89 -3.32
N PRO B 33 -0.25 50.91 -3.21
CA PRO B 33 -0.72 51.34 -1.88
C PRO B 33 -1.69 50.40 -1.20
N PHE B 34 -1.25 49.18 -0.87
CA PHE B 34 -2.10 48.16 -0.29
C PHE B 34 -1.80 48.05 1.18
N HIS B 35 -2.80 48.23 2.03
CA HIS B 35 -2.53 48.11 3.46
C HIS B 35 -3.43 47.10 4.18
N GLY B 36 -3.97 46.08 3.46
CA GLY B 36 -4.47 44.91 4.14
C GLY B 36 -5.90 44.52 3.77
N ILE B 37 -6.47 43.66 4.62
CA ILE B 37 -7.75 43.02 4.40
C ILE B 37 -8.60 43.32 5.62
N LYS B 38 -9.80 43.83 5.37
CA LYS B 38 -10.75 44.20 6.40
C LYS B 38 -12.00 43.33 6.27
N ASP B 39 -12.90 43.45 7.26
CA ASP B 39 -14.20 42.74 7.27
C ASP B 39 -14.05 41.22 7.25
N ILE B 40 -13.01 40.69 7.91
CA ILE B 40 -12.79 39.26 8.01
C ILE B 40 -13.77 38.65 8.99
N PRO B 41 -14.55 37.66 8.57
CA PRO B 41 -15.62 37.16 9.45
C PRO B 41 -15.08 36.53 10.71
N ILE B 42 -15.62 36.98 11.83
CA ILE B 42 -15.29 36.38 13.11
C ILE B 42 -16.06 35.06 13.24
N GLY B 43 -15.44 34.11 13.90
CA GLY B 43 -16.04 32.82 14.15
C GLY B 43 -15.33 31.67 13.49
N HIS B 44 -14.39 31.96 12.57
CA HIS B 44 -13.72 30.93 11.81
C HIS B 44 -12.22 31.15 11.88
N VAL B 45 -11.45 30.07 11.66
N VAL B 45 -11.45 30.05 11.77
CA VAL B 45 -10.02 30.18 11.41
CA VAL B 45 -10.04 30.22 11.41
C VAL B 45 -9.78 30.52 9.95
C VAL B 45 -9.98 30.81 10.01
N HIS B 46 -8.84 31.41 9.69
CA HIS B 46 -8.58 31.92 8.36
C HIS B 46 -7.16 31.58 7.96
N VAL B 47 -6.87 31.74 6.67
CA VAL B 47 -5.52 31.55 6.16
C VAL B 47 -5.25 32.69 5.20
N ILE B 48 -4.13 33.38 5.39
N ILE B 48 -4.18 33.45 5.45
CA ILE B 48 -3.66 34.39 4.46
CA ILE B 48 -3.65 34.40 4.47
C ILE B 48 -2.39 33.83 3.83
C ILE B 48 -2.45 33.73 3.83
N HIS B 49 -2.35 33.81 2.51
CA HIS B 49 -1.28 33.11 1.83
C HIS B 49 -0.77 33.93 0.66
N PHE B 50 0.42 33.53 0.18
CA PHE B 50 1.19 34.35 -0.73
C PHE B 50 1.83 33.52 -1.82
N GLN B 51 1.90 34.11 -2.98
CA GLN B 51 2.72 33.55 -4.05
C GLN B 51 3.36 34.72 -4.77
N HIS B 52 4.68 34.81 -4.67
CA HIS B 52 5.38 35.95 -5.27
C HIS B 52 5.31 35.92 -6.79
N ALA B 53 5.13 37.10 -7.37
CA ALA B 53 4.89 37.19 -8.80
C ALA B 53 6.17 36.86 -9.55
N ASP B 54 7.31 37.22 -8.99
CA ASP B 54 8.60 37.00 -9.62
C ASP B 54 9.23 35.66 -9.24
N ASN B 55 8.56 34.86 -8.41
CA ASN B 55 9.12 33.57 -8.02
C ASN B 55 7.99 32.74 -7.43
N SER B 56 7.29 32.03 -8.29
CA SER B 56 6.16 31.25 -7.82
C SER B 56 6.59 30.08 -6.95
N SER B 57 7.90 29.85 -6.79
CA SER B 57 8.43 28.87 -5.84
C SER B 57 8.03 29.30 -4.42
N MET B 58 7.74 28.31 -3.58
N MET B 58 7.76 28.30 -3.59
CA MET B 58 7.27 28.60 -2.24
CA MET B 58 7.24 28.49 -2.24
C MET B 58 5.97 29.43 -2.26
C MET B 58 5.99 29.38 -2.21
N ARG B 59 4.83 28.74 -2.36
CA ARG B 59 3.60 29.28 -1.79
C ARG B 59 3.80 29.22 -0.26
N TYR B 60 3.35 30.22 0.49
CA TYR B 60 3.44 30.12 1.94
C TYR B 60 2.32 30.93 2.55
N GLY B 61 2.07 30.74 3.85
CA GLY B 61 0.98 31.52 4.44
C GLY B 61 0.83 31.21 5.92
N TYR B 62 -0.19 31.80 6.51
CA TYR B 62 -0.39 31.81 7.95
C TYR B 62 -1.83 31.49 8.22
N TRP B 63 -2.04 30.52 9.12
CA TRP B 63 -3.34 30.24 9.71
C TRP B 63 -3.47 31.03 11.00
N PHE B 64 -4.61 31.66 11.20
CA PHE B 64 -4.81 32.55 12.33
C PHE B 64 -6.29 32.64 12.67
N ASP B 65 -6.56 33.22 13.83
CA ASP B 65 -7.93 33.43 14.33
C ASP B 65 -7.91 34.79 15.01
N CYS B 66 -8.66 35.75 14.45
CA CYS B 66 -8.62 37.13 14.91
C CYS B 66 -9.12 37.29 16.32
N ARG B 67 -9.77 36.28 16.86
CA ARG B 67 -10.20 36.35 18.25
C ARG B 67 -9.04 36.15 19.21
N MET B 68 -7.89 35.67 18.73
N MET B 68 -7.91 35.65 18.71
CA MET B 68 -6.76 35.34 19.60
CA MET B 68 -6.74 35.29 19.53
C MET B 68 -5.67 36.40 19.59
C MET B 68 -5.68 36.39 19.58
N GLY B 69 -5.88 37.52 18.93
CA GLY B 69 -4.87 38.55 18.91
C GLY B 69 -5.06 39.46 17.72
N ASN B 70 -4.28 40.54 17.71
CA ASN B 70 -4.27 41.49 16.63
C ASN B 70 -3.06 41.19 15.75
N PHE B 71 -3.29 40.76 14.50
CA PHE B 71 -2.18 40.35 13.63
C PHE B 71 -2.10 41.26 12.43
N TYR B 72 -0.86 41.46 11.97
CA TYR B 72 -0.57 42.23 10.78
C TYR B 72 0.53 41.54 9.98
N ILE B 73 0.73 42.01 8.75
CA ILE B 73 1.75 41.48 7.86
C ILE B 73 2.76 42.57 7.59
N GLN B 74 4.03 42.20 7.59
CA GLN B 74 5.13 43.10 7.25
C GLN B 74 6.13 42.36 6.39
N TYR B 75 6.54 42.96 5.28
CA TYR B 75 7.54 42.32 4.44
C TYR B 75 8.90 42.37 5.10
N ASP B 76 9.64 41.27 5.05
CA ASP B 76 11.01 41.20 5.59
C ASP B 76 11.96 41.14 4.41
N PRO B 77 12.70 42.20 4.13
CA PRO B 77 13.58 42.18 2.94
C PRO B 77 14.82 41.31 3.14
N LYS B 78 15.11 40.88 4.36
CA LYS B 78 16.26 39.98 4.56
C LYS B 78 15.86 38.54 4.25
N ASP B 79 14.78 38.06 4.86
CA ASP B 79 14.29 36.71 4.53
C ASP B 79 13.41 36.67 3.28
N GLY B 80 13.06 37.80 2.71
CA GLY B 80 12.35 37.82 1.44
C GLY B 80 10.96 37.26 1.51
N LEU B 81 10.25 37.56 2.56
CA LEU B 81 8.86 37.14 2.54
C LEU B 81 7.99 37.99 3.44
N TYR B 82 6.69 37.87 3.19
CA TYR B 82 5.72 38.55 4.04
C TYR B 82 5.52 37.73 5.29
N LYS B 83 5.68 38.35 6.46
CA LYS B 83 5.65 37.67 7.73
C LYS B 83 4.46 38.18 8.54
N MET B 84 3.79 37.28 9.22
CA MET B 84 2.75 37.67 10.17
C MET B 84 3.40 37.98 11.50
N MET B 85 2.86 38.96 12.16
CA MET B 85 3.32 39.39 13.47
C MET B 85 2.12 39.73 14.32
N GLU B 86 2.30 39.69 15.63
CA GLU B 86 1.26 40.11 16.52
C GLU B 86 1.60 41.47 17.08
N GLU B 87 0.58 42.31 17.19
CA GLU B 87 0.70 43.60 17.82
C GLU B 87 0.07 43.49 19.19
N ARG B 88 0.89 43.67 20.24
CA ARG B 88 0.40 43.56 21.60
C ARG B 88 -0.20 44.88 22.10
N ASP B 89 0.17 46.00 21.50
CA ASP B 89 -0.35 47.31 21.88
C ASP B 89 -1.71 47.52 21.23
N GLY B 90 -2.79 47.34 22.00
CA GLY B 90 -4.12 47.35 21.42
C GLY B 90 -4.53 48.70 20.86
N ALA B 91 -4.19 49.78 21.55
CA ALA B 91 -4.62 51.10 21.08
C ALA B 91 -3.84 51.53 19.85
N LYS B 92 -2.59 51.14 19.77
CA LYS B 92 -1.82 51.37 18.56
C LYS B 92 -2.47 50.69 17.36
N PHE B 93 -2.87 49.44 17.53
CA PHE B 93 -3.41 48.67 16.42
C PHE B 93 -4.71 49.27 15.91
N GLU B 94 -5.64 49.58 16.82
CA GLU B 94 -6.94 50.12 16.38
C GLU B 94 -6.74 51.41 15.60
N ASN B 95 -5.77 52.24 16.01
CA ASN B 95 -5.55 53.53 15.35
C ASN B 95 -4.92 53.35 13.99
N ILE B 96 -4.06 52.34 13.84
CA ILE B 96 -3.51 52.00 12.53
C ILE B 96 -4.63 51.52 11.60
N VAL B 97 -5.43 50.56 12.04
CA VAL B 97 -6.53 50.08 11.21
C VAL B 97 -7.46 51.24 10.80
N HIS B 98 -7.86 52.09 11.76
CA HIS B 98 -8.86 53.11 11.44
C HIS B 98 -8.34 54.09 10.40
N ASN B 99 -7.06 54.44 10.47
CA ASN B 99 -6.44 55.30 9.46
C ASN B 99 -6.47 54.65 8.08
N PHE B 100 -6.07 53.39 7.99
CA PHE B 100 -6.07 52.71 6.71
C PHE B 100 -7.49 52.54 6.16
N LYS B 101 -8.48 52.33 7.04
CA LYS B 101 -9.86 52.23 6.60
C LYS B 101 -10.37 53.58 6.10
N GLU B 102 -10.06 54.64 6.83
CA GLU B 102 -10.42 55.99 6.39
C GLU B 102 -9.83 56.31 5.03
N ARG B 103 -8.58 55.92 4.79
CA ARG B 103 -7.95 56.12 3.49
C ARG B 103 -8.30 55.04 2.47
N GLN B 104 -9.17 54.09 2.82
CA GLN B 104 -9.66 53.04 1.92
C GLN B 104 -8.50 52.30 1.27
N MET B 105 -7.49 52.00 2.07
CA MET B 105 -6.32 51.29 1.60
C MET B 105 -6.44 49.78 1.79
N MET B 106 -7.63 49.26 2.03
CA MET B 106 -7.76 47.84 2.34
C MET B 106 -8.82 47.19 1.45
N VAL B 107 -8.58 45.93 1.08
CA VAL B 107 -9.57 45.13 0.37
C VAL B 107 -10.54 44.54 1.38
N SER B 108 -11.81 44.40 0.99
CA SER B 108 -12.82 43.83 1.88
C SER B 108 -12.94 42.34 1.60
N TYR B 109 -12.88 41.54 2.66
CA TYR B 109 -13.14 40.10 2.56
C TYR B 109 -14.49 39.90 1.88
N PRO B 110 -14.53 39.29 0.72
CA PRO B 110 -15.75 39.41 -0.09
C PRO B 110 -16.76 38.29 0.16
N LYS B 111 -17.38 38.27 1.33
CA LYS B 111 -18.26 37.18 1.68
C LYS B 111 -19.68 37.49 1.23
N ILE B 112 -20.11 36.76 0.19
CA ILE B 112 -21.51 36.72 -0.19
C ILE B 112 -22.35 36.15 0.95
N ASP B 113 -23.52 36.73 1.17
CA ASP B 113 -24.33 36.34 2.33
C ASP B 113 -24.98 34.97 2.15
N GLU B 114 -25.21 34.51 0.92
CA GLU B 114 -25.68 33.15 0.68
C GLU B 114 -24.61 32.10 0.95
N ASP B 115 -23.34 32.49 1.08
CA ASP B 115 -22.21 31.62 0.88
C ASP B 115 -21.76 31.05 2.21
N ASP B 116 -21.95 29.74 2.41
CA ASP B 116 -21.41 29.05 3.56
C ASP B 116 -20.12 28.28 3.21
N THR B 117 -19.48 28.59 2.09
CA THR B 117 -18.35 27.76 1.65
C THR B 117 -17.27 27.64 2.71
N TRP B 118 -16.85 28.75 3.31
CA TRP B 118 -15.70 28.67 4.20
C TRP B 118 -16.06 27.93 5.48
N TYR B 119 -17.22 28.22 6.04
CA TYR B 119 -17.68 27.42 7.17
C TYR B 119 -17.64 25.93 6.81
N ASN B 120 -18.14 25.58 5.64
CA ASN B 120 -18.28 24.16 5.26
C ASN B 120 -16.91 23.48 5.12
N LEU B 121 -15.89 24.25 4.80
CA LEU B 121 -14.57 23.72 4.64
C LEU B 121 -13.80 23.67 5.94
N THR B 122 -14.21 24.45 6.93
CA THR B 122 -13.47 24.58 8.19
C THR B 122 -14.33 24.22 9.40
N GLU B 123 -15.44 23.52 9.21
CA GLU B 123 -16.38 23.27 10.30
C GLU B 123 -15.68 22.72 11.54
N PHE B 124 -14.72 21.80 11.35
CA PHE B 124 -14.10 21.14 12.49
C PHE B 124 -12.70 21.61 12.76
N VAL B 125 -12.20 22.61 12.03
CA VAL B 125 -10.82 23.05 12.18
C VAL B 125 -10.78 24.10 13.29
N GLN B 126 -9.92 23.89 14.28
N GLN B 126 -9.94 23.88 14.29
CA GLN B 126 -9.75 24.81 15.40
CA GLN B 126 -9.74 24.82 15.39
C GLN B 126 -8.28 25.20 15.52
C GLN B 126 -8.29 25.23 15.49
N MET B 127 -8.03 26.49 15.82
CA MET B 127 -6.64 26.97 15.90
C MET B 127 -5.80 26.13 16.87
N ASP B 128 -6.39 25.74 17.99
CA ASP B 128 -5.60 24.97 18.94
C ASP B 128 -5.10 23.66 18.33
N LYS B 129 -5.88 23.05 17.44
CA LYS B 129 -5.41 21.79 16.86
C LYS B 129 -4.39 22.06 15.77
N ILE B 130 -4.58 23.14 15.00
CA ILE B 130 -3.56 23.55 14.04
C ILE B 130 -2.21 23.74 14.73
N ARG B 131 -2.20 24.37 15.91
CA ARG B 131 -0.93 24.66 16.59
C ARG B 131 -0.22 23.42 17.10
N LYS B 132 -0.91 22.28 17.16
CA LYS B 132 -0.25 21.02 17.51
C LYS B 132 0.26 20.30 16.28
N ILE B 133 -0.34 20.53 15.11
CA ILE B 133 0.23 19.97 13.90
C ILE B 133 1.43 20.80 13.46
N VAL B 134 1.33 22.14 13.58
CA VAL B 134 2.41 23.06 13.23
C VAL B 134 2.98 23.61 14.53
N ARG B 135 4.17 23.15 14.93
CA ARG B 135 4.69 23.45 16.27
C ARG B 135 5.61 24.66 16.23
N LYS B 136 5.08 25.81 16.63
CA LYS B 136 5.87 27.06 16.73
C LYS B 136 5.19 27.90 17.80
N ASP B 137 5.45 27.54 19.05
CA ASP B 137 4.57 27.94 20.15
C ASP B 137 4.72 29.39 20.57
N GLU B 138 5.74 30.10 20.11
CA GLU B 138 5.85 31.52 20.46
C GLU B 138 4.87 32.39 19.68
N ASN B 139 4.23 31.87 18.64
CA ASN B 139 3.24 32.61 17.88
C ASN B 139 1.85 32.00 18.06
N GLN B 140 0.83 32.87 18.04
CA GLN B 140 -0.57 32.42 18.07
C GLN B 140 -1.10 32.02 16.70
N PHE B 141 -0.30 32.22 15.67
CA PHE B 141 -0.62 31.87 14.31
C PHE B 141 0.43 30.87 13.82
N SER B 142 0.12 30.23 12.69
CA SER B 142 0.87 29.07 12.22
C SER B 142 1.29 29.23 10.76
N TYR B 143 2.57 29.14 10.50
CA TYR B 143 3.14 29.23 9.18
C TYR B 143 3.17 27.87 8.51
N VAL B 144 2.68 27.82 7.26
CA VAL B 144 2.76 26.64 6.42
C VAL B 144 3.27 27.05 5.03
N ASP B 145 3.99 26.12 4.37
CA ASP B 145 4.36 26.36 2.97
C ASP B 145 4.33 25.09 2.13
N SER B 146 4.64 25.31 0.84
CA SER B 146 4.66 24.31 -0.21
C SER B 146 5.51 23.10 0.13
N SER B 147 6.65 23.33 0.76
CA SER B 147 7.69 22.30 0.82
C SER B 147 7.79 21.64 2.17
N MET B 148 7.10 22.13 3.19
CA MET B 148 7.17 21.46 4.49
C MET B 148 6.76 20.01 4.37
N THR B 149 7.55 19.14 4.96
CA THR B 149 7.28 17.72 4.96
C THR B 149 6.51 17.34 6.21
N THR B 150 5.89 16.17 6.15
CA THR B 150 5.16 15.62 7.27
C THR B 150 6.06 14.65 8.03
N VAL B 151 5.74 14.46 9.31
CA VAL B 151 6.46 13.48 10.12
C VAL B 151 6.57 12.15 9.35
N GLN B 152 5.46 11.67 8.78
CA GLN B 152 5.50 10.41 8.05
C GLN B 152 6.47 10.47 6.88
N GLU B 153 6.47 11.59 6.14
CA GLU B 153 7.40 11.76 5.02
C GLU B 153 8.85 11.65 5.51
N ASN B 154 9.16 12.29 6.64
CA ASN B 154 10.52 12.28 7.17
C ASN B 154 10.94 10.86 7.57
N GLU B 155 10.02 10.08 8.11
CA GLU B 155 10.35 8.70 8.47
C GLU B 155 10.69 7.87 7.24
N LEU B 156 10.13 8.21 6.09
CA LEU B 156 10.40 7.49 4.85
C LEU B 156 11.25 8.35 3.90
N SER B 161 14.22 17.22 6.30
CA SER B 161 14.57 16.30 7.37
C SER B 161 14.61 17.02 8.72
N ASP B 162 14.49 18.36 8.68
CA ASP B 162 14.49 19.16 9.90
C ASP B 162 13.18 18.95 10.66
N PRO B 163 13.21 18.45 11.89
CA PRO B 163 11.95 18.12 12.58
C PRO B 163 11.16 19.32 13.06
N ALA B 164 11.79 20.47 13.29
CA ALA B 164 11.08 21.62 13.84
C ALA B 164 10.16 22.27 12.81
N HIS B 165 10.42 22.07 11.53
CA HIS B 165 9.69 22.70 10.43
C HIS B 165 8.76 21.71 9.74
N SER B 166 8.23 20.73 10.46
CA SER B 166 7.47 19.66 9.84
C SER B 166 6.00 19.76 10.22
N LEU B 167 5.18 19.09 9.43
CA LEU B 167 3.74 18.96 9.72
C LEU B 167 3.52 17.67 10.47
N ASN B 168 3.10 17.79 11.73
N ASN B 168 3.09 17.80 11.73
CA ASN B 168 2.89 16.64 12.60
CA ASN B 168 2.87 16.65 12.62
C ASN B 168 1.46 16.10 12.50
C ASN B 168 1.44 16.11 12.50
N TYR B 169 1.08 15.70 11.28
CA TYR B 169 -0.17 14.97 11.10
C TYR B 169 -0.07 13.62 11.79
N THR B 170 -1.21 13.06 12.17
CA THR B 170 -1.25 11.71 12.73
C THR B 170 -0.81 10.69 11.68
N VAL B 171 0.17 9.86 12.01
CA VAL B 171 0.65 8.89 11.02
C VAL B 171 -0.40 7.81 10.80
N ILE B 172 -0.76 7.57 9.55
CA ILE B 172 -1.65 6.49 9.17
C ILE B 172 -0.91 5.56 8.21
N ASN B 173 -0.87 4.27 8.55
CA ASN B 173 -0.13 3.32 7.74
C ASN B 173 -0.84 1.98 7.89
N PHE B 174 -1.44 1.51 6.82
CA PHE B 174 -2.30 0.36 6.89
C PHE B 174 -1.53 -0.93 7.18
N LYS B 175 -0.25 -0.94 6.88
CA LYS B 175 0.57 -2.12 7.08
C LYS B 175 1.58 -1.82 8.17
N SER B 176 1.08 -1.47 9.34
CA SER B 176 1.90 -1.21 10.49
C SER B 176 1.33 -2.00 11.65
N ARG B 177 2.16 -2.20 12.68
CA ARG B 177 1.67 -2.94 13.82
C ARG B 177 0.54 -2.20 14.51
N GLU B 178 0.50 -0.87 14.43
CA GLU B 178 -0.62 -0.12 15.01
C GLU B 178 -1.94 -0.51 14.35
N ALA B 179 -1.94 -0.70 13.04
CA ALA B 179 -3.17 -0.97 12.32
C ALA B 179 -3.65 -2.40 12.45
N ILE B 180 -2.77 -3.33 12.84
CA ILE B 180 -3.00 -4.78 12.69
C ILE B 180 -2.81 -5.44 14.05
N ARG B 181 -3.90 -5.99 14.61
CA ARG B 181 -3.77 -6.75 15.86
C ARG B 181 -3.12 -8.10 15.57
N PRO B 182 -2.10 -8.50 16.30
CA PRO B 182 -1.63 -9.89 16.19
C PRO B 182 -2.81 -10.85 16.34
N GLY B 183 -2.87 -11.83 15.45
CA GLY B 183 -3.96 -12.79 15.46
C GLY B 183 -5.19 -12.36 14.70
N HIS B 184 -5.30 -11.08 14.34
CA HIS B 184 -6.41 -10.57 13.54
C HIS B 184 -5.89 -9.99 12.24
N GLU B 185 -4.85 -10.61 11.67
CA GLU B 185 -4.15 -10.09 10.49
C GLU B 185 -5.10 -9.94 9.30
N MET B 186 -5.73 -11.02 8.85
CA MET B 186 -6.63 -10.89 7.70
C MET B 186 -7.77 -9.95 8.03
N GLU B 187 -8.33 -10.12 9.22
CA GLU B 187 -9.51 -9.34 9.59
C GLU B 187 -9.21 -7.86 9.56
N ASP B 188 -8.12 -7.45 10.21
CA ASP B 188 -7.80 -6.03 10.32
C ASP B 188 -7.25 -5.43 9.03
N PHE B 189 -6.69 -6.23 8.14
CA PHE B 189 -6.15 -5.69 6.90
C PHE B 189 -7.28 -5.45 5.90
N LEU B 190 -8.26 -6.33 5.90
CA LEU B 190 -9.38 -6.19 4.98
C LEU B 190 -10.48 -5.30 5.50
N ASP B 191 -10.58 -5.12 6.81
CA ASP B 191 -11.60 -4.30 7.45
C ASP B 191 -10.88 -3.40 8.45
N LYS B 192 -10.77 -2.12 8.12
CA LYS B 192 -9.97 -1.23 8.96
C LYS B 192 -10.72 -0.71 10.18
N SER B 193 -11.85 -1.31 10.58
CA SER B 193 -12.67 -0.72 11.64
C SER B 193 -11.94 -0.65 12.97
N TYR B 194 -11.09 -1.63 13.29
N TYR B 194 -11.14 -1.67 13.28
N TYR B 194 -11.10 -1.65 13.29
CA TYR B 194 -10.38 -1.54 14.56
CA TYR B 194 -10.32 -1.61 14.50
CA TYR B 194 -10.36 -1.57 14.54
C TYR B 194 -9.38 -0.39 14.55
C TYR B 194 -9.45 -0.37 14.50
C TYR B 194 -9.41 -0.39 14.54
N TYR B 195 -8.66 -0.21 13.44
CA TYR B 195 -7.72 0.89 13.35
C TYR B 195 -8.45 2.21 13.41
N LEU B 196 -9.59 2.32 12.71
CA LEU B 196 -10.37 3.55 12.72
C LEU B 196 -10.97 3.83 14.09
N ASN B 197 -11.77 2.88 14.60
CA ASN B 197 -12.57 3.16 15.78
C ASN B 197 -11.78 3.04 17.08
N THR B 198 -10.90 2.05 17.22
CA THR B 198 -10.23 1.93 18.51
C THR B 198 -8.90 2.69 18.55
N VAL B 199 -8.04 2.51 17.55
CA VAL B 199 -6.73 3.18 17.56
C VAL B 199 -6.90 4.67 17.33
N MET B 200 -7.54 5.03 16.22
CA MET B 200 -7.53 6.42 15.81
C MET B 200 -8.56 7.21 16.60
N LEU B 201 -9.84 6.81 16.56
CA LEU B 201 -10.86 7.67 17.15
C LEU B 201 -10.83 7.62 18.68
N GLN B 202 -10.95 6.42 19.27
N GLN B 202 -10.94 6.44 19.27
CA GLN B 202 -10.93 6.31 20.73
CA GLN B 202 -10.94 6.35 20.73
C GLN B 202 -9.56 6.63 21.30
C GLN B 202 -9.54 6.65 21.29
N GLY B 203 -8.50 6.19 20.63
CA GLY B 203 -7.15 6.33 21.11
C GLY B 203 -6.49 7.69 20.93
N ILE B 204 -6.43 8.17 19.69
CA ILE B 204 -5.58 9.30 19.35
C ILE B 204 -6.38 10.59 19.24
N PHE B 205 -7.49 10.55 18.49
CA PHE B 205 -8.26 11.77 18.22
C PHE B 205 -9.32 12.05 19.28
N LYS B 206 -9.76 11.02 20.00
CA LYS B 206 -10.78 11.13 21.05
C LYS B 206 -12.19 11.28 20.49
N ASN B 207 -12.37 11.96 19.36
CA ASN B 207 -13.72 12.06 18.81
C ASN B 207 -13.60 12.30 17.32
N SER B 208 -14.73 12.14 16.64
CA SER B 208 -14.71 12.32 15.19
C SER B 208 -14.54 13.78 14.82
N SER B 209 -14.87 14.73 15.69
CA SER B 209 -14.71 16.13 15.30
C SER B 209 -13.23 16.48 15.15
N ASN B 210 -12.38 15.97 16.04
CA ASN B 210 -10.94 16.19 15.87
C ASN B 210 -10.41 15.48 14.64
N TYR B 211 -10.92 14.29 14.36
CA TYR B 211 -10.49 13.57 13.16
C TYR B 211 -10.83 14.37 11.91
N PHE B 212 -12.10 14.82 11.81
CA PHE B 212 -12.48 15.64 10.67
C PHE B 212 -11.71 16.95 10.59
N GLY B 213 -11.45 17.61 11.71
CA GLY B 213 -10.61 18.81 11.69
C GLY B 213 -9.26 18.59 11.01
N GLU B 214 -8.58 17.51 11.37
CA GLU B 214 -7.27 17.28 10.76
C GLU B 214 -7.43 16.96 9.29
N LEU B 215 -8.46 16.18 8.94
CA LEU B 215 -8.78 15.90 7.54
C LEU B 215 -9.00 17.18 6.75
N GLN B 216 -9.82 18.10 7.31
CA GLN B 216 -10.11 19.35 6.63
C GLN B 216 -8.86 20.21 6.49
N PHE B 217 -8.03 20.26 7.55
CA PHE B 217 -6.81 21.05 7.52
C PHE B 217 -5.86 20.51 6.48
N ALA B 218 -5.79 19.18 6.37
CA ALA B 218 -4.89 18.58 5.39
C ALA B 218 -5.31 18.95 3.99
N PHE B 219 -6.60 18.88 3.71
CA PHE B 219 -7.07 19.26 2.38
C PHE B 219 -6.70 20.69 2.06
N LEU B 220 -6.95 21.60 3.03
CA LEU B 220 -6.77 23.02 2.74
C LEU B 220 -5.28 23.34 2.53
N ASN B 221 -4.38 22.64 3.24
CA ASN B 221 -2.95 22.86 2.99
CA ASN B 221 -2.96 22.83 3.01
C ASN B 221 -2.55 22.28 1.65
N ALA B 222 -3.19 21.16 1.24
CA ALA B 222 -2.91 20.62 -0.09
C ALA B 222 -3.33 21.61 -1.17
N MET B 223 -4.54 22.12 -1.05
CA MET B 223 -5.10 23.00 -2.07
C MET B 223 -4.40 24.34 -2.11
N PHE B 224 -4.23 24.98 -0.96
CA PHE B 224 -3.74 26.36 -0.95
C PHE B 224 -2.21 26.46 -1.10
N PHE B 225 -1.44 25.46 -0.69
CA PHE B 225 0.01 25.53 -0.81
C PHE B 225 0.61 24.53 -1.78
N GLY B 226 -0.19 23.62 -2.33
CA GLY B 226 0.37 22.55 -3.12
C GLY B 226 1.20 21.63 -2.28
N ASN B 227 0.84 21.44 -1.01
CA ASN B 227 1.67 20.69 -0.09
C ASN B 227 1.38 19.20 -0.26
N TYR B 228 2.39 18.46 -0.75
CA TYR B 228 2.15 17.09 -1.19
C TYR B 228 1.87 16.15 -0.01
N GLY B 229 2.59 16.30 1.11
CA GLY B 229 2.34 15.46 2.28
C GLY B 229 0.97 15.66 2.89
N SER B 230 0.46 16.89 2.83
CA SER B 230 -0.92 17.14 3.22
C SER B 230 -1.90 16.42 2.30
N SER B 231 -1.66 16.48 0.98
CA SER B 231 -2.53 15.72 0.09
C SER B 231 -2.51 14.22 0.42
N LEU B 232 -1.33 13.68 0.75
CA LEU B 232 -1.29 12.27 1.17
C LEU B 232 -2.14 12.01 2.43
N GLN B 233 -2.06 12.91 3.39
CA GLN B 233 -2.77 12.73 4.65
C GLN B 233 -4.28 12.78 4.44
N TRP B 234 -4.72 13.72 3.61
CA TRP B 234 -6.15 13.87 3.32
C TRP B 234 -6.68 12.57 2.74
N HIS B 235 -5.98 12.04 1.74
CA HIS B 235 -6.44 10.79 1.12
C HIS B 235 -6.39 9.62 2.10
N ALA B 236 -5.34 9.54 2.93
CA ALA B 236 -5.25 8.47 3.90
C ALA B 236 -6.43 8.50 4.86
N MET B 237 -6.86 9.68 5.27
CA MET B 237 -7.93 9.77 6.26
C MET B 237 -9.28 9.44 5.68
N ILE B 238 -9.44 9.72 4.37
CA ILE B 238 -10.64 9.30 3.66
C ILE B 238 -10.65 7.79 3.51
N GLU B 239 -9.56 7.24 3.00
CA GLU B 239 -9.51 5.81 2.77
C GLU B 239 -9.72 5.04 4.05
N LEU B 240 -9.17 5.52 5.17
CA LEU B 240 -9.33 4.80 6.44
C LEU B 240 -10.79 4.63 6.79
N ILE B 241 -11.61 5.67 6.53
CA ILE B 241 -13.04 5.56 6.82
C ILE B 241 -13.71 4.65 5.81
N CYS B 242 -13.43 4.83 4.52
CA CYS B 242 -14.15 4.10 3.50
C CYS B 242 -13.84 2.62 3.55
N SER B 243 -12.64 2.29 3.98
CA SER B 243 -12.17 0.91 4.10
C SER B 243 -12.52 0.26 5.42
N SER B 244 -13.42 0.85 6.17
CA SER B 244 -13.91 0.30 7.43
C SER B 244 -15.35 -0.13 7.26
N ALA B 245 -15.67 -1.38 7.62
CA ALA B 245 -17.06 -1.85 7.53
C ALA B 245 -17.98 -1.21 8.57
N THR B 246 -17.43 -0.77 9.69
CA THR B 246 -18.23 -0.33 10.81
C THR B 246 -17.84 1.12 11.06
N VAL B 247 -18.70 2.02 10.63
CA VAL B 247 -18.51 3.44 10.89
C VAL B 247 -19.82 4.01 11.41
N PRO B 248 -19.79 4.78 12.50
CA PRO B 248 -21.02 5.44 12.96
C PRO B 248 -21.72 6.18 11.84
N LYS B 249 -23.05 6.06 11.81
CA LYS B 249 -23.83 6.59 10.70
C LYS B 249 -23.63 8.10 10.57
N HIS B 250 -23.48 8.80 11.71
CA HIS B 250 -23.35 10.25 11.65
C HIS B 250 -22.01 10.66 11.06
N MET B 251 -20.96 9.85 11.26
CA MET B 251 -19.66 10.14 10.65
C MET B 251 -19.70 10.00 9.14
N LEU B 252 -20.41 8.99 8.64
CA LEU B 252 -20.53 8.82 7.20
C LEU B 252 -21.32 9.96 6.58
N ASP B 253 -22.41 10.35 7.23
CA ASP B 253 -23.19 11.45 6.66
C ASP B 253 -22.38 12.73 6.67
N LYS B 254 -21.62 12.97 7.73
CA LYS B 254 -20.84 14.20 7.79
C LYS B 254 -19.65 14.13 6.81
N LEU B 255 -19.02 12.96 6.68
CA LEU B 255 -17.94 12.83 5.70
C LEU B 255 -18.43 13.18 4.30
N ASP B 256 -19.62 12.69 3.93
CA ASP B 256 -20.15 12.99 2.61
C ASP B 256 -20.28 14.49 2.39
N GLU B 257 -20.71 15.22 3.42
CA GLU B 257 -20.82 16.67 3.33
C GLU B 257 -19.46 17.33 3.26
N ILE B 258 -18.52 16.84 4.05
CA ILE B 258 -17.18 17.43 4.07
C ILE B 258 -16.54 17.31 2.69
N LEU B 259 -16.58 16.11 2.11
CA LEU B 259 -15.95 15.87 0.82
C LEU B 259 -16.66 16.60 -0.29
N TYR B 260 -17.99 16.63 -0.26
CA TYR B 260 -18.74 17.37 -1.26
C TYR B 260 -18.23 18.81 -1.40
N TYR B 261 -18.08 19.52 -0.27
CA TYR B 261 -17.67 20.92 -0.35
C TYR B 261 -16.20 21.05 -0.72
N GLN B 262 -15.37 20.04 -0.41
CA GLN B 262 -13.97 20.09 -0.83
C GLN B 262 -13.86 19.88 -2.34
N ILE B 263 -14.61 18.92 -2.86
CA ILE B 263 -14.58 18.68 -4.30
C ILE B 263 -15.18 19.88 -5.01
N LYS B 264 -16.19 20.50 -4.42
CA LYS B 264 -16.84 21.66 -5.05
C LYS B 264 -15.88 22.85 -5.17
N THR B 265 -15.03 23.02 -4.17
CA THR B 265 -14.13 24.15 -4.10
C THR B 265 -12.88 23.91 -4.92
N LEU B 266 -12.44 22.67 -5.07
CA LEU B 266 -11.17 22.41 -5.74
C LEU B 266 -11.16 23.06 -7.12
N PRO B 267 -10.14 23.84 -7.46
CA PRO B 267 -10.02 24.30 -8.86
C PRO B 267 -9.99 23.12 -9.81
N GLU B 268 -10.78 23.25 -10.87
CA GLU B 268 -10.86 22.20 -11.88
C GLU B 268 -9.48 21.91 -12.48
N GLN B 269 -8.70 22.95 -12.69
CA GLN B 269 -7.43 22.78 -13.37
C GLN B 269 -6.37 22.14 -12.49
N TYR B 270 -6.62 21.97 -11.20
CA TYR B 270 -5.66 21.32 -10.31
C TYR B 270 -6.08 19.89 -9.98
N SER B 271 -7.12 19.39 -10.63
CA SER B 271 -7.64 18.08 -10.25
C SER B 271 -6.63 16.98 -10.48
N ASP B 272 -5.77 17.13 -11.50
CA ASP B 272 -4.84 16.06 -11.85
C ASP B 272 -3.70 15.90 -10.86
N ILE B 273 -3.43 16.93 -10.06
CA ILE B 273 -2.39 16.85 -9.03
C ILE B 273 -2.95 16.82 -7.62
N LEU B 274 -4.25 17.10 -7.41
CA LEU B 274 -4.79 17.10 -6.07
C LEU B 274 -5.67 15.88 -5.77
N LEU B 275 -6.00 15.06 -6.75
CA LEU B 275 -6.89 13.92 -6.55
C LEU B 275 -6.19 12.63 -6.97
N ASN B 276 -6.18 11.66 -6.06
CA ASN B 276 -5.54 10.38 -6.29
C ASN B 276 -6.55 9.42 -6.89
N GLU B 277 -6.32 9.01 -8.15
CA GLU B 277 -7.31 8.24 -8.89
C GLU B 277 -7.61 6.91 -8.22
N ARG B 278 -6.56 6.20 -7.80
CA ARG B 278 -6.76 4.94 -7.11
C ARG B 278 -7.63 5.14 -5.89
N VAL B 279 -7.30 6.11 -5.05
CA VAL B 279 -8.02 6.19 -3.77
C VAL B 279 -9.50 6.48 -4.02
N TRP B 280 -9.78 7.39 -4.96
CA TRP B 280 -11.16 7.82 -5.15
C TRP B 280 -11.99 6.72 -5.79
N ASN B 281 -11.47 6.04 -6.81
CA ASN B 281 -12.21 4.92 -7.39
C ASN B 281 -12.43 3.82 -6.36
N ILE B 282 -11.42 3.52 -5.56
CA ILE B 282 -11.59 2.56 -4.49
C ILE B 282 -12.68 3.03 -3.53
N CYS B 283 -12.61 4.30 -3.08
CA CYS B 283 -13.57 4.74 -2.07
C CYS B 283 -14.98 4.79 -2.63
N LEU B 284 -15.15 5.22 -3.87
CA LEU B 284 -16.51 5.38 -4.38
C LEU B 284 -17.14 4.09 -4.89
N TYR B 285 -16.33 3.15 -5.40
CA TYR B 285 -16.86 2.02 -6.16
C TYR B 285 -16.53 0.63 -5.61
N SER B 286 -15.49 0.46 -4.80
CA SER B 286 -15.20 -0.88 -4.25
C SER B 286 -15.23 -0.97 -2.72
N SER B 287 -15.14 0.12 -1.98
CA SER B 287 -15.00 0.04 -0.54
C SER B 287 -16.32 -0.35 0.15
N PHE B 288 -16.22 -0.58 1.47
CA PHE B 288 -17.39 -0.86 2.29
C PHE B 288 -18.42 0.26 2.19
N GLN B 289 -17.95 1.49 2.08
CA GLN B 289 -18.81 2.67 2.06
C GLN B 289 -19.11 3.17 0.66
N LYS B 290 -18.87 2.33 -0.35
CA LYS B 290 -19.10 2.69 -1.75
C LYS B 290 -20.46 3.30 -2.02
N ASN B 291 -21.45 2.99 -1.20
CA ASN B 291 -22.81 3.50 -1.37
C ASN B 291 -23.20 4.46 -0.26
N SER B 292 -22.27 4.91 0.58
CA SER B 292 -22.60 5.79 1.69
C SER B 292 -22.27 7.25 1.41
N LEU B 293 -21.75 7.56 0.23
CA LEU B 293 -21.28 8.92 -0.04
C LEU B 293 -22.00 9.49 -1.24
N HIS B 294 -23.32 9.62 -1.14
CA HIS B 294 -24.13 9.92 -2.30
C HIS B 294 -23.78 11.27 -2.90
N ASN B 295 -23.66 12.29 -2.06
CA ASN B 295 -23.43 13.65 -2.58
C ASN B 295 -22.04 13.77 -3.19
N THR B 296 -21.04 13.18 -2.55
CA THR B 296 -19.69 13.21 -3.05
C THR B 296 -19.58 12.43 -4.35
N GLU B 297 -20.15 11.23 -4.37
CA GLU B 297 -20.16 10.45 -5.62
C GLU B 297 -20.81 11.23 -6.77
N LYS B 298 -21.91 11.93 -6.49
CA LYS B 298 -22.61 12.63 -7.58
C LYS B 298 -21.81 13.82 -8.10
N ILE B 299 -21.17 14.60 -7.22
CA ILE B 299 -20.38 15.73 -7.70
C ILE B 299 -19.10 15.24 -8.38
N MET B 300 -18.45 14.20 -7.84
CA MET B 300 -17.26 13.65 -8.49
C MET B 300 -17.56 13.17 -9.91
N GLU B 301 -18.69 12.45 -10.09
CA GLU B 301 -19.04 11.92 -11.40
C GLU B 301 -19.45 13.01 -12.37
N ASN B 302 -20.04 14.09 -11.88
CA ASN B 302 -20.45 15.16 -12.79
C ASN B 302 -19.32 16.14 -13.07
N LYS B 303 -18.32 16.22 -12.21
CA LYS B 303 -17.26 17.21 -12.34
C LYS B 303 -15.91 16.65 -12.75
N TYR B 304 -15.60 15.41 -12.35
CA TYR B 304 -14.33 14.78 -12.69
C TYR B 304 -14.58 13.36 -13.19
N PRO B 305 -15.43 13.19 -14.21
CA PRO B 305 -15.69 11.83 -14.73
C PRO B 305 -14.48 11.21 -15.40
N GLU B 306 -13.51 12.03 -15.80
CA GLU B 306 -12.25 11.53 -16.35
C GLU B 306 -11.52 10.67 -15.33
N LEU B 307 -11.32 11.21 -14.13
CA LEU B 307 -10.64 10.49 -13.06
C LEU B 307 -11.27 9.13 -12.77
N LEU B 308 -12.47 8.86 -13.24
CA LEU B 308 -13.13 7.62 -12.89
C LEU B 308 -13.48 6.81 -14.14
C7 VVK C . 9.91 -24.49 -20.39
C8 VVK C . 10.06 -24.71 -21.76
C9 VVK C . 8.96 -24.89 -22.57
O1 VVK C . 5.05 -23.33 -21.55
C1 VVK C . 5.36 -25.53 -22.33
C5 VVK C . 7.58 -24.61 -20.71
C6 VVK C . 8.67 -24.44 -19.89
C4 VVK C . 7.71 -24.83 -22.08
C3 VVK C . 4.80 -24.49 -21.37
C2 VVK C . 5.46 -26.87 -21.60
O VVK C . 4.10 -24.82 -20.47
C VVK C . 4.42 -25.72 -23.50
N VVK C . 6.62 -25.02 -22.82
O2 VVK C . 9.08 -25.18 -23.85
C10 VVK C . 10.33 -25.55 -24.25
S DMS D . 2.83 -22.92 -14.51
O DMS D . 4.00 -22.20 -14.74
C1 DMS D . 1.62 -22.29 -15.58
C2 DMS D . 2.20 -22.18 -13.06
H11 DMS D . 1.51 -22.87 -16.35
H12 DMS D . 1.89 -21.41 -15.88
H13 DMS D . 0.77 -22.22 -15.11
H21 DMS D . 2.78 -22.39 -12.31
H22 DMS D . 1.31 -22.51 -12.88
H23 DMS D . 2.16 -21.23 -13.18
#